data_7SFY
#
_entry.id   7SFY
#
_cell.length_a   77.501
_cell.length_b   101.815
_cell.length_c   88.563
_cell.angle_alpha   90.000
_cell.angle_beta   90.000
_cell.angle_gamma   90.000
#
_symmetry.space_group_name_H-M   'C 2 2 21'
#
loop_
_entity.id
_entity.type
_entity.pdbx_description
1 polymer 'Protein Mis18-alpha'
2 polymer 'Protein Mis18-beta'
3 water water
#
loop_
_entity_poly.entity_id
_entity_poly.type
_entity_poly.pdbx_seq_one_letter_code
_entity_poly.pdbx_strand_id
1 'polypeptide(L)' SNAELFNLESRVEIEKSLTQMEDVLKALQMKLWEAESKLSFATCKS A,B,D,E
2 'polypeptide(L)' QNVPLSEKIAELKEKIVLTHNRLKSLMKILSEVTPDQSKPEN C,F
#
# COMPACT_ATOMS: atom_id res chain seq x y z
N PHE A 6 10.47 -18.36 1.16
CA PHE A 6 9.50 -18.48 0.09
C PHE A 6 9.36 -19.93 -0.37
N ASN A 7 8.91 -20.77 0.54
CA ASN A 7 8.84 -22.21 0.33
C ASN A 7 7.41 -22.66 0.02
N LEU A 8 7.30 -23.75 -0.75
CA LEU A 8 6.04 -24.40 -1.05
C LEU A 8 6.09 -25.90 -0.77
N GLU A 9 7.12 -26.36 -0.06
CA GLU A 9 7.20 -27.78 0.30
C GLU A 9 5.99 -28.23 1.10
N SER A 10 5.54 -27.39 2.05
CA SER A 10 4.54 -27.77 3.02
C SER A 10 3.40 -26.77 3.01
N ARG A 11 2.22 -27.21 3.46
CA ARG A 11 1.09 -26.29 3.62
C ARG A 11 1.45 -25.12 4.52
N VAL A 12 2.18 -25.39 5.61
CA VAL A 12 2.55 -24.33 6.54
C VAL A 12 3.43 -23.31 5.84
N GLU A 13 4.27 -23.75 4.90
CA GLU A 13 5.14 -22.79 4.23
C GLU A 13 4.40 -22.04 3.14
N ILE A 14 3.47 -22.69 2.42
CA ILE A 14 2.62 -21.94 1.48
C ILE A 14 1.92 -20.82 2.22
N GLU A 15 1.38 -21.11 3.40
CA GLU A 15 0.65 -20.09 4.16
C GLU A 15 1.56 -18.89 4.44
N LYS A 16 2.64 -19.12 5.18
CA LYS A 16 3.68 -18.11 5.39
C LYS A 16 4.06 -17.39 4.08
N SER A 17 4.30 -18.14 2.99
CA SER A 17 4.72 -17.49 1.75
C SER A 17 3.62 -16.63 1.14
N LEU A 18 2.36 -17.07 1.24
CA LEU A 18 1.27 -16.27 0.68
C LEU A 18 1.05 -14.98 1.45
N THR A 19 1.24 -15.00 2.78
CA THR A 19 1.14 -13.76 3.53
C THR A 19 2.28 -12.81 3.17
N GLN A 20 3.48 -13.33 2.94
CA GLN A 20 4.58 -12.47 2.53
C GLN A 20 4.25 -11.75 1.23
N MET A 21 3.70 -12.49 0.28
CA MET A 21 3.26 -11.90 -0.98
C MET A 21 2.19 -10.84 -0.78
N GLU A 22 1.24 -11.07 0.14
CA GLU A 22 0.25 -10.03 0.44
C GLU A 22 0.90 -8.81 1.10
N ASP A 23 1.89 -9.02 1.95
CA ASP A 23 2.60 -7.89 2.54
C ASP A 23 3.37 -7.12 1.49
N VAL A 24 3.87 -7.81 0.46
CA VAL A 24 4.58 -7.17 -0.64
C VAL A 24 3.63 -6.34 -1.49
N LEU A 25 2.46 -6.89 -1.81
CA LEU A 25 1.47 -6.11 -2.54
C LEU A 25 1.03 -4.91 -1.73
N LYS A 26 0.92 -5.07 -0.39
CA LYS A 26 0.49 -3.95 0.44
C LYS A 26 1.51 -2.83 0.40
N ALA A 27 2.79 -3.18 0.23
CA ALA A 27 3.80 -2.14 0.08
C ALA A 27 3.74 -1.54 -1.31
N LEU A 28 3.38 -2.36 -2.30
CA LEU A 28 3.25 -1.84 -3.66
C LEU A 28 2.11 -0.85 -3.76
N GLN A 29 1.01 -1.09 -3.06
CA GLN A 29 -0.13 -0.20 -3.24
C GLN A 29 0.19 1.20 -2.69
N MET A 30 0.94 1.27 -1.58
CA MET A 30 1.38 2.57 -1.07
C MET A 30 2.37 3.24 -2.02
N LYS A 31 3.28 2.47 -2.62
CA LYS A 31 4.21 3.02 -3.59
C LYS A 31 3.49 3.53 -4.82
N LEU A 32 2.42 2.86 -5.23
CA LEU A 32 1.64 3.34 -6.36
C LEU A 32 0.98 4.66 -6.05
N TRP A 33 0.35 4.76 -4.88
CA TRP A 33 -0.28 5.99 -4.43
C TRP A 33 0.73 7.12 -4.35
N GLU A 34 1.90 6.85 -3.75
CA GLU A 34 2.94 7.86 -3.66
C GLU A 34 3.31 8.40 -5.03
N ALA A 35 3.43 7.50 -6.01
CA ALA A 35 3.66 7.90 -7.40
C ALA A 35 2.49 8.68 -7.97
N GLU A 36 1.25 8.31 -7.61
CA GLU A 36 0.09 9.07 -8.10
C GLU A 36 0.17 10.51 -7.65
N SER A 37 0.66 10.74 -6.43
CA SER A 37 0.64 12.07 -5.87
C SER A 37 1.83 12.89 -6.34
N LYS A 38 3.04 12.31 -6.34
CA LYS A 38 4.18 13.02 -6.92
C LYS A 38 3.85 13.52 -8.33
N LEU A 39 3.25 12.65 -9.16
CA LEU A 39 2.88 13.04 -10.51
C LEU A 39 1.83 14.15 -10.52
N SER A 40 0.75 14.00 -9.72
CA SER A 40 -0.29 15.01 -9.73
C SER A 40 0.25 16.37 -9.32
N PHE A 41 1.25 16.37 -8.43
CA PHE A 41 1.87 17.60 -7.95
C PHE A 41 2.91 18.16 -8.91
N ALA A 42 3.27 17.42 -9.96
CA ALA A 42 4.25 17.87 -10.96
C ALA A 42 3.59 18.14 -12.31
N THR A 43 2.31 18.53 -12.32
CA THR A 43 1.67 18.98 -13.55
C THR A 43 1.01 20.36 -13.36
N SER B 1 14.32 27.87 -14.92
CA SER B 1 13.11 27.46 -14.22
C SER B 1 13.37 26.31 -13.27
N ASN B 2 13.43 26.60 -11.97
CA ASN B 2 13.48 25.51 -10.99
C ASN B 2 12.22 24.68 -11.01
N ALA B 3 11.10 25.24 -11.46
CA ALA B 3 9.87 24.47 -11.62
C ALA B 3 10.06 23.35 -12.63
N GLU B 4 10.49 23.70 -13.85
CA GLU B 4 10.70 22.68 -14.88
C GLU B 4 11.72 21.65 -14.44
N LEU B 5 12.78 22.10 -13.75
CA LEU B 5 13.73 21.15 -13.18
C LEU B 5 13.06 20.24 -12.18
N PHE B 6 12.38 20.82 -11.19
CA PHE B 6 11.66 20.01 -10.19
C PHE B 6 10.73 19.02 -10.87
N ASN B 7 9.99 19.47 -11.89
CA ASN B 7 9.10 18.57 -12.63
C ASN B 7 9.86 17.38 -13.17
N LEU B 8 10.99 17.62 -13.81
CA LEU B 8 11.76 16.55 -14.42
C LEU B 8 12.32 15.61 -13.36
N GLU B 9 12.79 16.15 -12.23
CA GLU B 9 13.30 15.26 -11.17
C GLU B 9 12.19 14.36 -10.66
N SER B 10 10.99 14.91 -10.47
CA SER B 10 9.82 14.12 -10.15
C SER B 10 9.62 13.00 -11.16
N ARG B 11 9.34 13.35 -12.42
CA ARG B 11 9.03 12.34 -13.43
C ARG B 11 10.13 11.29 -13.55
N VAL B 12 11.38 11.66 -13.28
CA VAL B 12 12.44 10.64 -13.28
C VAL B 12 12.26 9.68 -12.12
N GLU B 13 12.16 10.22 -10.89
CA GLU B 13 12.07 9.32 -9.74
C GLU B 13 10.75 8.58 -9.73
N ILE B 14 9.73 9.12 -10.41
CA ILE B 14 8.46 8.42 -10.51
C ILE B 14 8.64 7.19 -11.39
N GLU B 15 8.96 7.40 -12.66
CA GLU B 15 8.99 6.24 -13.54
C GLU B 15 10.14 5.29 -13.22
N LYS B 16 11.13 5.72 -12.44
CA LYS B 16 12.09 4.75 -11.91
C LYS B 16 11.41 3.73 -11.01
N SER B 17 10.77 4.19 -9.94
CA SER B 17 10.10 3.20 -9.08
C SER B 17 8.94 2.50 -9.77
N LEU B 18 8.38 3.08 -10.85
CA LEU B 18 7.36 2.38 -11.63
C LEU B 18 7.93 1.09 -12.21
N THR B 19 9.09 1.18 -12.86
CA THR B 19 9.77 -0.02 -13.33
C THR B 19 10.14 -0.93 -12.16
N GLN B 20 10.59 -0.35 -11.05
CA GLN B 20 10.88 -1.12 -9.84
C GLN B 20 9.67 -1.92 -9.39
N MET B 21 8.51 -1.26 -9.32
CA MET B 21 7.29 -1.95 -8.94
C MET B 21 6.96 -3.04 -9.94
N GLU B 22 7.20 -2.76 -11.23
CA GLU B 22 7.03 -3.75 -12.29
C GLU B 22 7.87 -4.99 -12.01
N ASP B 23 9.13 -4.81 -11.62
CA ASP B 23 10.01 -5.96 -11.42
C ASP B 23 9.64 -6.71 -10.15
N VAL B 24 9.22 -6.00 -9.11
CA VAL B 24 8.86 -6.65 -7.86
C VAL B 24 7.61 -7.51 -8.04
N LEU B 25 6.63 -7.01 -8.81
CA LEU B 25 5.34 -7.69 -8.88
C LEU B 25 5.41 -8.90 -9.80
N LYS B 26 6.23 -8.83 -10.84
CA LYS B 26 6.17 -9.90 -11.83
C LYS B 26 6.99 -11.10 -11.38
N ALA B 27 7.97 -10.89 -10.51
CA ALA B 27 8.53 -11.99 -9.73
C ALA B 27 7.49 -12.52 -8.75
N LEU B 28 6.76 -11.62 -8.09
CA LEU B 28 5.68 -12.07 -7.22
C LEU B 28 4.67 -12.92 -7.99
N GLN B 29 4.30 -12.49 -9.20
CA GLN B 29 3.31 -13.22 -9.98
C GLN B 29 3.84 -14.58 -10.38
N MET B 30 5.15 -14.71 -10.51
CA MET B 30 5.70 -16.00 -10.91
C MET B 30 5.69 -16.99 -9.77
N LYS B 31 5.95 -16.54 -8.54
CA LYS B 31 5.90 -17.48 -7.43
C LYS B 31 4.44 -17.81 -7.08
N LEU B 32 3.56 -16.80 -7.14
CA LEU B 32 2.12 -17.05 -7.05
C LEU B 32 1.71 -18.19 -7.96
N TRP B 33 2.12 -18.13 -9.23
CA TRP B 33 1.76 -19.14 -10.19
C TRP B 33 2.21 -20.52 -9.73
N GLU B 34 3.42 -20.61 -9.17
CA GLU B 34 3.93 -21.87 -8.64
C GLU B 34 3.05 -22.40 -7.53
N ALA B 35 2.60 -21.52 -6.63
CA ALA B 35 1.71 -21.92 -5.55
C ALA B 35 0.35 -22.34 -6.07
N GLU B 36 -0.15 -21.64 -7.10
CA GLU B 36 -1.41 -22.01 -7.72
C GLU B 36 -1.34 -23.42 -8.27
N SER B 37 -0.32 -23.70 -9.09
CA SER B 37 -0.10 -25.07 -9.57
C SER B 37 0.07 -26.06 -8.44
N LYS B 38 0.68 -25.65 -7.33
CA LYS B 38 0.88 -26.61 -6.24
C LYS B 38 -0.47 -26.99 -5.62
N LEU B 39 -1.23 -25.99 -5.16
CA LEU B 39 -2.51 -26.28 -4.52
C LEU B 39 -3.53 -26.78 -5.52
N SER B 40 -3.34 -26.49 -6.82
CA SER B 40 -4.29 -26.94 -7.82
C SER B 40 -4.13 -28.44 -8.05
N PHE B 41 -2.90 -28.89 -8.28
CA PHE B 41 -2.64 -30.32 -8.42
C PHE B 41 -2.97 -31.08 -7.15
N ALA B 42 -2.71 -30.47 -5.99
CA ALA B 42 -2.86 -31.15 -4.71
C ALA B 42 -4.33 -31.43 -4.39
N THR B 43 -5.17 -30.42 -4.58
CA THR B 43 -6.61 -30.55 -4.37
C THR B 43 -7.34 -30.91 -5.65
N CYS B 44 -6.59 -31.26 -6.71
CA CYS B 44 -7.08 -31.86 -7.94
C CYS B 44 -8.01 -30.95 -8.73
N VAL C 3 1.72 12.09 -20.11
CA VAL C 3 0.52 11.39 -19.69
C VAL C 3 0.64 9.85 -19.84
N PRO C 4 1.57 9.36 -20.68
CA PRO C 4 1.94 7.94 -20.55
C PRO C 4 2.28 7.50 -19.14
N LEU C 5 2.87 8.38 -18.32
CA LEU C 5 3.07 8.02 -16.91
C LEU C 5 1.73 7.80 -16.22
N SER C 6 0.76 8.67 -16.49
CA SER C 6 -0.57 8.49 -15.92
C SER C 6 -1.14 7.13 -16.28
N GLU C 7 -0.94 6.72 -17.54
CA GLU C 7 -1.47 5.43 -18.00
C GLU C 7 -0.66 4.27 -17.46
N LYS C 8 0.65 4.44 -17.27
CA LYS C 8 1.44 3.39 -16.64
C LYS C 8 1.02 3.17 -15.19
N ILE C 9 0.53 4.22 -14.54
CA ILE C 9 0.01 4.09 -13.18
C ILE C 9 -1.24 3.22 -13.19
N ALA C 10 -2.18 3.55 -14.08
CA ALA C 10 -3.47 2.85 -14.09
C ALA C 10 -3.31 1.38 -14.49
N GLU C 11 -2.51 1.10 -15.52
CA GLU C 11 -2.24 -0.28 -15.90
C GLU C 11 -1.55 -1.03 -14.77
N LEU C 12 -0.64 -0.38 -14.06
CA LEU C 12 0.01 -1.06 -12.95
C LEU C 12 -0.96 -1.28 -11.80
N LYS C 13 -1.86 -0.32 -11.55
CA LYS C 13 -2.83 -0.49 -10.47
C LYS C 13 -3.71 -1.70 -10.71
N GLU C 14 -4.28 -1.83 -11.92
CA GLU C 14 -5.18 -2.93 -12.17
C GLU C 14 -4.49 -4.28 -12.03
N LYS C 15 -3.18 -4.33 -12.28
CA LYS C 15 -2.47 -5.60 -12.12
C LYS C 15 -2.23 -5.94 -10.66
N ILE C 16 -1.82 -4.94 -9.85
CA ILE C 16 -1.76 -5.15 -8.40
C ILE C 16 -3.08 -5.73 -7.91
N VAL C 17 -4.19 -5.17 -8.40
CA VAL C 17 -5.52 -5.63 -7.96
C VAL C 17 -5.77 -7.07 -8.43
N LEU C 18 -5.54 -7.34 -9.72
CA LEU C 18 -5.79 -8.69 -10.24
C LEU C 18 -4.94 -9.73 -9.55
N THR C 19 -3.64 -9.46 -9.41
CA THR C 19 -2.75 -10.36 -8.68
C THR C 19 -3.19 -10.49 -7.23
N HIS C 20 -3.63 -9.39 -6.63
CA HIS C 20 -4.16 -9.46 -5.27
C HIS C 20 -5.37 -10.38 -5.18
N ASN C 21 -6.17 -10.43 -6.24
CA ASN C 21 -7.37 -11.27 -6.23
C ASN C 21 -7.02 -12.74 -6.34
N ARG C 22 -6.09 -13.08 -7.26
CA ARG C 22 -5.54 -14.43 -7.34
C ARG C 22 -5.04 -14.90 -5.98
N LEU C 23 -4.24 -14.05 -5.32
CA LEU C 23 -3.72 -14.39 -4.00
C LEU C 23 -4.86 -14.63 -3.00
N LYS C 24 -5.92 -13.81 -3.05
CA LYS C 24 -7.05 -13.99 -2.14
C LYS C 24 -7.74 -15.32 -2.35
N SER C 25 -8.06 -15.66 -3.60
CA SER C 25 -8.71 -16.93 -3.92
C SER C 25 -7.86 -18.11 -3.48
N LEU C 26 -6.54 -18.00 -3.62
CA LEU C 26 -5.66 -19.10 -3.23
C LEU C 26 -5.55 -19.23 -1.72
N MET C 27 -5.77 -18.13 -0.99
CA MET C 27 -5.69 -18.17 0.46
C MET C 27 -6.89 -18.91 1.04
N LYS C 28 -8.04 -18.80 0.37
CA LYS C 28 -9.25 -19.50 0.81
C LYS C 28 -9.16 -20.99 0.51
N ILE C 29 -8.63 -21.33 -0.68
CA ILE C 29 -8.42 -22.73 -1.00
C ILE C 29 -7.42 -23.35 -0.04
N LEU C 30 -6.38 -22.60 0.33
CA LEU C 30 -5.35 -23.17 1.19
C LEU C 30 -5.86 -23.40 2.61
N SER C 31 -6.74 -22.54 3.12
CA SER C 31 -7.22 -22.77 4.47
C SER C 31 -8.33 -23.83 4.55
N GLU C 32 -8.88 -24.29 3.42
CA GLU C 32 -9.77 -25.44 3.45
C GLU C 32 -9.05 -26.75 3.79
N VAL C 33 -7.73 -26.78 3.68
CA VAL C 33 -6.96 -28.03 3.85
C VAL C 33 -5.85 -27.89 4.90
N THR C 34 -5.70 -26.74 5.55
CA THR C 34 -4.66 -26.60 6.57
C THR C 34 -5.18 -26.35 7.98
N PRO C 35 -6.34 -26.90 8.42
CA PRO C 35 -6.62 -26.70 9.85
C PRO C 35 -5.67 -27.44 10.80
N VAL D 12 -23.16 3.89 -3.29
CA VAL D 12 -23.79 3.44 -2.06
C VAL D 12 -23.54 4.46 -0.94
N GLU D 13 -23.50 4.02 0.32
CA GLU D 13 -23.25 4.91 1.46
C GLU D 13 -21.85 4.73 2.03
N ILE D 14 -20.88 4.43 1.17
CA ILE D 14 -19.45 4.47 1.49
C ILE D 14 -19.13 5.73 2.27
N GLU D 15 -19.72 6.87 1.83
CA GLU D 15 -19.30 8.16 2.35
C GLU D 15 -19.39 8.26 3.88
N LYS D 16 -20.23 7.43 4.53
CA LYS D 16 -20.19 7.35 5.99
C LYS D 16 -18.95 6.60 6.47
N SER D 17 -18.35 5.76 5.62
CA SER D 17 -17.07 5.16 5.95
C SER D 17 -15.92 6.14 5.77
N LEU D 18 -16.02 7.08 4.83
CA LEU D 18 -14.87 7.92 4.50
C LEU D 18 -14.79 9.16 5.39
N THR D 19 -15.93 9.73 5.77
CA THR D 19 -15.93 10.71 6.85
C THR D 19 -15.36 10.09 8.12
N GLN D 20 -15.67 8.82 8.39
CA GLN D 20 -15.05 8.10 9.51
C GLN D 20 -13.54 8.13 9.43
N MET D 21 -12.98 7.97 8.23
CA MET D 21 -11.53 7.92 8.15
C MET D 21 -10.93 9.32 8.25
N GLU D 22 -11.60 10.31 7.67
CA GLU D 22 -11.13 11.68 7.80
C GLU D 22 -11.07 12.09 9.26
N ASP D 23 -11.94 11.53 10.11
CA ASP D 23 -11.93 11.90 11.51
C ASP D 23 -10.78 11.26 12.28
N VAL D 24 -10.44 10.00 11.95
CA VAL D 24 -9.32 9.39 12.67
C VAL D 24 -7.99 9.93 12.14
N LEU D 25 -7.96 10.37 10.88
CA LEU D 25 -6.73 10.95 10.35
C LEU D 25 -6.40 12.26 11.06
N LYS D 26 -7.42 13.05 11.43
CA LYS D 26 -7.17 14.29 12.13
C LYS D 26 -6.55 14.01 13.50
N ALA D 27 -7.10 13.04 14.22
CA ALA D 27 -6.52 12.64 15.50
C ALA D 27 -5.11 12.10 15.31
N LEU D 28 -4.88 11.40 14.19
CA LEU D 28 -3.55 10.91 13.85
C LEU D 28 -2.57 12.04 13.62
N GLN D 29 -2.97 13.00 12.78
CA GLN D 29 -2.12 14.16 12.55
C GLN D 29 -1.93 14.94 13.85
N MET D 30 -2.97 15.05 14.67
CA MET D 30 -2.80 15.68 15.97
C MET D 30 -1.84 14.88 16.84
N LYS D 31 -1.97 13.56 16.81
CA LYS D 31 -1.08 12.73 17.60
C LYS D 31 0.34 12.79 17.05
N LEU D 32 0.49 13.17 15.77
CA LEU D 32 1.81 13.18 15.15
C LEU D 32 2.53 14.51 15.41
N TRP D 33 1.84 15.64 15.27
CA TRP D 33 2.48 16.90 15.65
C TRP D 33 2.89 16.86 17.12
N GLU D 34 1.99 16.40 18.00
CA GLU D 34 2.35 16.26 19.41
C GLU D 34 3.64 15.45 19.56
N ALA D 35 3.76 14.34 18.84
CA ALA D 35 5.02 13.60 18.86
C ALA D 35 6.18 14.44 18.33
N GLU D 36 6.10 14.83 17.05
CA GLU D 36 7.17 15.55 16.38
C GLU D 36 7.62 16.81 17.12
N SER D 37 6.70 17.50 17.78
CA SER D 37 7.09 18.63 18.59
C SER D 37 7.77 18.20 19.89
N LYS D 38 7.12 17.32 20.66
CA LYS D 38 7.69 16.91 21.94
C LYS D 38 9.07 16.31 21.79
N LEU D 39 9.32 15.60 20.69
CA LEU D 39 10.65 15.06 20.40
C LEU D 39 11.67 16.18 20.20
N SER D 40 11.42 17.03 19.21
CA SER D 40 12.33 18.13 18.89
C SER D 40 12.18 19.28 19.88
N SER E 10 10.50 8.59 28.47
CA SER E 10 9.34 8.88 27.63
C SER E 10 9.65 8.70 26.14
N ARG E 11 10.94 8.49 25.83
CA ARG E 11 11.33 8.33 24.43
C ARG E 11 10.76 7.05 23.84
N VAL E 12 10.43 6.07 24.69
CA VAL E 12 9.75 4.87 24.22
C VAL E 12 8.25 5.14 24.03
N GLU E 13 7.66 5.95 24.91
CA GLU E 13 6.28 6.41 24.70
C GLU E 13 6.09 6.93 23.29
N ILE E 14 7.11 7.60 22.74
CA ILE E 14 7.02 8.12 21.38
C ILE E 14 7.09 6.99 20.37
N GLU E 15 8.08 6.11 20.50
CA GLU E 15 8.26 5.04 19.51
C GLU E 15 7.07 4.08 19.51
N LYS E 16 6.67 3.61 20.70
CA LYS E 16 5.53 2.70 20.74
C LYS E 16 4.24 3.36 20.27
N SER E 17 4.17 4.68 20.27
CA SER E 17 2.98 5.34 19.75
C SER E 17 3.04 5.58 18.25
N LEU E 18 4.23 5.84 17.72
CA LEU E 18 4.38 5.91 16.26
C LEU E 18 3.98 4.59 15.61
N THR E 19 4.45 3.46 16.16
CA THR E 19 4.11 2.16 15.58
C THR E 19 2.60 1.93 15.60
N GLN E 20 1.94 2.25 16.73
CA GLN E 20 0.49 2.17 16.80
C GLN E 20 -0.16 2.89 15.63
N MET E 21 0.26 4.13 15.38
CA MET E 21 -0.31 4.92 14.31
C MET E 21 0.12 4.41 12.94
N GLU E 22 1.29 3.79 12.86
CA GLU E 22 1.64 3.03 11.66
C GLU E 22 0.63 1.90 11.44
N ASP E 23 0.31 1.17 12.50
CA ASP E 23 -0.70 0.12 12.41
C ASP E 23 -2.04 0.68 11.96
N VAL E 24 -2.40 1.86 12.48
CA VAL E 24 -3.68 2.47 12.14
C VAL E 24 -3.72 2.82 10.66
N LEU E 25 -2.68 3.54 10.20
CA LEU E 25 -2.53 3.87 8.78
C LEU E 25 -2.56 2.63 7.89
N LYS E 26 -1.97 1.51 8.33
CA LYS E 26 -2.09 0.25 7.60
C LYS E 26 -3.55 -0.12 7.40
N ALA E 27 -4.32 -0.06 8.48
CA ALA E 27 -5.72 -0.44 8.41
C ALA E 27 -6.54 0.57 7.63
N LEU E 28 -6.15 1.84 7.66
CA LEU E 28 -6.84 2.84 6.85
C LEU E 28 -6.52 2.63 5.38
N GLN E 29 -5.31 2.15 5.08
CA GLN E 29 -4.93 1.85 3.70
C GLN E 29 -5.71 0.68 3.15
N MET E 30 -5.93 -0.33 3.98
CA MET E 30 -6.65 -1.51 3.52
C MET E 30 -8.07 -1.15 3.13
N LYS E 31 -8.73 -0.35 3.97
CA LYS E 31 -10.15 -0.06 3.73
C LYS E 31 -10.31 0.77 2.48
N LEU E 32 -9.45 1.77 2.29
CA LEU E 32 -9.63 2.73 1.22
C LEU E 32 -9.15 2.15 -0.11
N TRP E 33 -8.10 1.33 -0.08
CA TRP E 33 -7.70 0.60 -1.29
C TRP E 33 -8.81 -0.33 -1.72
N GLU E 34 -9.46 -0.98 -0.76
CA GLU E 34 -10.63 -1.80 -1.05
C GLU E 34 -11.74 -0.96 -1.65
N ALA E 35 -12.07 0.17 -1.04
CA ALA E 35 -13.15 0.99 -1.56
C ALA E 35 -12.84 1.48 -2.97
N GLU E 36 -11.61 1.96 -3.19
CA GLU E 36 -11.21 2.48 -4.50
C GLU E 36 -11.31 1.42 -5.60
N SER E 37 -10.94 0.18 -5.28
CA SER E 37 -10.95 -0.88 -6.30
C SER E 37 -12.35 -1.38 -6.60
N LYS E 38 -13.28 -1.23 -5.65
CA LYS E 38 -14.65 -1.66 -5.87
C LYS E 38 -15.29 -0.98 -7.08
N LEU E 39 -14.79 0.19 -7.46
CA LEU E 39 -15.43 1.02 -8.46
C LEU E 39 -14.60 1.23 -9.73
N SER E 40 -13.37 0.73 -9.78
CA SER E 40 -12.57 0.79 -11.01
C SER E 40 -13.22 0.01 -12.15
N LEU F 5 -17.77 11.50 -5.63
CA LEU F 5 -17.34 10.57 -4.57
C LEU F 5 -15.88 10.13 -4.67
N SER F 6 -15.45 9.77 -5.89
CA SER F 6 -14.06 9.37 -6.12
C SER F 6 -13.10 10.53 -5.85
N GLU F 7 -13.60 11.75 -5.79
CA GLU F 7 -12.78 12.88 -5.36
C GLU F 7 -12.27 12.67 -3.95
N LYS F 8 -13.13 12.23 -3.03
CA LYS F 8 -12.73 12.17 -1.64
C LYS F 8 -11.83 10.98 -1.34
N ILE F 9 -11.90 9.92 -2.15
CA ILE F 9 -10.94 8.82 -1.94
C ILE F 9 -9.55 9.26 -2.36
N ALA F 10 -9.43 9.94 -3.50
CA ALA F 10 -8.16 10.55 -3.87
C ALA F 10 -7.75 11.61 -2.84
N GLU F 11 -8.71 12.28 -2.22
CA GLU F 11 -8.40 13.20 -1.14
C GLU F 11 -7.84 12.44 0.06
N LEU F 12 -8.51 11.37 0.46
CA LEU F 12 -8.04 10.55 1.58
C LEU F 12 -6.85 9.70 1.17
N LYS F 13 -6.74 9.38 -0.11
CA LYS F 13 -5.51 8.77 -0.59
C LYS F 13 -4.32 9.69 -0.28
N GLU F 14 -4.37 10.91 -0.80
CA GLU F 14 -3.31 11.88 -0.53
C GLU F 14 -3.03 12.00 0.96
N LYS F 15 -4.08 12.21 1.77
CA LYS F 15 -3.90 12.42 3.20
C LYS F 15 -3.11 11.30 3.83
N ILE F 16 -3.49 10.05 3.54
CA ILE F 16 -2.76 8.87 4.01
C ILE F 16 -1.30 8.91 3.52
N VAL F 17 -1.10 9.16 2.22
CA VAL F 17 0.27 9.28 1.71
C VAL F 17 1.05 10.28 2.55
N LEU F 18 0.55 11.53 2.63
CA LEU F 18 1.28 12.54 3.38
C LEU F 18 1.52 12.11 4.82
N THR F 19 0.52 11.45 5.43
CA THR F 19 0.64 11.10 6.83
C THR F 19 1.57 9.92 7.02
N HIS F 20 1.51 8.94 6.10
CA HIS F 20 2.48 7.88 6.08
C HIS F 20 3.90 8.46 5.99
N ASN F 21 4.10 9.41 5.07
CA ASN F 21 5.46 9.87 4.86
C ASN F 21 5.93 10.72 6.03
N ARG F 22 5.03 11.54 6.60
CA ARG F 22 5.37 12.33 7.77
C ARG F 22 5.71 11.43 8.94
N LEU F 23 4.92 10.37 9.15
CA LEU F 23 5.20 9.41 10.21
C LEU F 23 6.50 8.67 9.96
N LYS F 24 6.67 8.19 8.72
CA LYS F 24 7.94 7.59 8.31
C LYS F 24 9.11 8.46 8.72
N SER F 25 9.01 9.77 8.48
CA SER F 25 10.12 10.69 8.71
C SER F 25 10.38 10.87 10.21
N LEU F 26 9.33 10.96 11.01
CA LEU F 26 9.54 11.07 12.46
C LEU F 26 10.38 9.91 12.99
N MET F 27 10.08 8.68 12.54
CA MET F 27 10.85 7.52 12.97
C MET F 27 12.31 7.65 12.56
N LYS F 28 12.58 8.20 11.37
CA LYS F 28 13.96 8.29 10.90
C LYS F 28 14.77 9.30 11.69
N ILE F 29 14.14 10.39 12.12
CA ILE F 29 14.85 11.37 12.95
C ILE F 29 14.76 11.00 14.42
N LEU F 30 13.88 10.07 14.79
CA LEU F 30 13.95 9.44 16.11
C LEU F 30 15.35 8.93 16.40
N SER F 31 16.08 8.52 15.35
CA SER F 31 17.49 8.16 15.47
C SER F 31 18.36 9.40 15.74
#